data_4QNA
#
_entry.id   4QNA
#
_cell.length_a   47.321
_cell.length_b   54.781
_cell.length_c   60.183
_cell.angle_alpha   90.00
_cell.angle_beta   111.45
_cell.angle_gamma   90.00
#
_symmetry.space_group_name_H-M   'P 1 21 1'
#
loop_
_entity.id
_entity.type
_entity.pdbx_description
1 polymer 'SERINE/THREONINE-PROTEIN KINASE 24'
2 non-polymer 2-(4,6-diamino-1,3,5-triazin-2-yl)phenol
3 water water
#
_entity_poly.entity_id   1
_entity_poly.type   'polypeptide(L)'
_entity_poly.pdbx_seq_one_letter_code
;GPLGSEFMAHSPVQSGLPGMQNLKADPEELFTKLEKIGKGSFGEVFKGIDNRTQKVVAIKIIDLEEAEDEIEDIQQEITV
LSQCDSPYVTKYYGSYLKDTKLWIIMEYLGGGSALDLLEPGPLDETQIATILREILKGLDYLHSEKKIHRDIKAANVLLS
EHGEVKLADFGVAGQLTDTQIKRN(TPO)FVGTPFWMAPEVIKQSAYDSKADIWSLGITAIELARGEPPHSELHPMKVLF
LIPKNNPPTLEGNYSKPLKEFVEACLNKEPSFRPTAKELLKHKFILRNAKKTSYLTELIDRYKRWKAEQSHDDS
;
_entity_poly.pdbx_strand_id   A
#
# COMPACT_ATOMS: atom_id res chain seq x y z
N ASN A 22 23.94 2.92 9.92
CA ASN A 22 23.48 2.77 11.29
C ASN A 22 22.49 1.61 11.43
N LEU A 23 22.84 0.53 10.74
CA LEU A 23 22.23 -0.78 10.86
C LEU A 23 22.51 -1.39 12.24
N LYS A 24 21.72 -2.37 12.66
CA LYS A 24 21.92 -2.97 13.98
C LYS A 24 22.34 -4.43 13.90
N ALA A 25 22.60 -5.04 15.04
CA ALA A 25 23.03 -6.44 15.09
C ALA A 25 22.41 -7.20 16.27
N ASP A 26 22.49 -8.52 16.23
CA ASP A 26 21.96 -9.40 17.28
C ASP A 26 20.47 -9.16 17.58
N PRO A 27 19.60 -9.40 16.59
CA PRO A 27 18.18 -9.09 16.80
C PRO A 27 17.53 -9.94 17.90
N GLU A 28 18.00 -11.17 18.11
CA GLU A 28 17.38 -12.06 19.09
C GLU A 28 17.61 -11.64 20.54
N GLU A 29 18.46 -10.64 20.76
CA GLU A 29 18.62 -10.07 22.09
C GLU A 29 17.42 -9.19 22.46
N LEU A 30 16.73 -8.69 21.45
CA LEU A 30 15.64 -7.73 21.66
C LEU A 30 14.29 -8.29 21.21
N PHE A 31 14.33 -9.19 20.22
CA PHE A 31 13.11 -9.72 19.62
C PHE A 31 13.06 -11.24 19.63
N THR A 32 11.84 -11.76 19.81
CA THR A 32 11.59 -13.19 19.68
C THR A 32 10.92 -13.43 18.33
N LYS A 33 11.44 -14.38 17.57
CA LYS A 33 10.86 -14.68 16.26
C LYS A 33 9.82 -15.80 16.40
N LEU A 34 8.60 -15.54 15.92
CA LEU A 34 7.52 -16.51 16.06
C LEU A 34 7.18 -17.11 14.70
N GLU A 35 5.90 -17.43 14.47
CA GLU A 35 5.50 -18.13 13.24
C GLU A 35 5.42 -17.23 12.00
N LYS A 36 5.44 -17.86 10.82
CA LYS A 36 5.33 -17.18 9.54
C LYS A 36 3.91 -16.63 9.29
N ILE A 37 3.83 -15.41 8.79
CA ILE A 37 2.56 -14.72 8.56
C ILE A 37 2.47 -14.05 7.19
N GLY A 38 3.61 -13.82 6.56
CA GLY A 38 3.64 -13.04 5.33
C GLY A 38 4.54 -13.62 4.26
N LYS A 39 4.36 -13.12 3.03
CA LYS A 39 5.03 -13.70 1.88
C LYS A 39 5.77 -12.66 1.03
N GLY A 40 5.46 -12.66 -0.26
CA GLY A 40 6.22 -11.90 -1.25
C GLY A 40 7.39 -12.72 -1.77
N SER A 41 8.11 -12.20 -2.76
CA SER A 41 9.35 -12.84 -3.19
C SER A 41 10.51 -12.04 -2.61
N PHE A 42 10.15 -10.91 -2.00
CA PHE A 42 11.02 -10.14 -1.11
C PHE A 42 11.82 -11.10 -0.25
N GLY A 43 11.10 -11.76 0.64
CA GLY A 43 11.63 -12.82 1.47
C GLY A 43 10.44 -13.49 2.13
N GLU A 44 10.45 -13.51 3.46
CA GLU A 44 9.30 -14.01 4.20
C GLU A 44 9.05 -13.13 5.42
N VAL A 45 7.81 -13.13 5.91
CA VAL A 45 7.46 -12.35 7.08
C VAL A 45 7.07 -13.26 8.25
N PHE A 46 7.56 -12.92 9.43
CA PHE A 46 7.27 -13.68 10.64
C PHE A 46 6.65 -12.78 11.70
N LYS A 47 5.78 -13.35 12.51
CA LYS A 47 5.34 -12.65 13.69
C LYS A 47 6.51 -12.64 14.66
N GLY A 48 6.54 -11.65 15.55
CA GLY A 48 7.60 -11.55 16.52
C GLY A 48 7.15 -10.77 17.73
N ILE A 49 7.95 -10.80 18.79
CA ILE A 49 7.70 -10.04 20.01
C ILE A 49 8.86 -9.12 20.34
N ASP A 50 8.56 -7.86 20.60
CA ASP A 50 9.52 -6.93 21.17
C ASP A 50 9.66 -7.30 22.64
N ASN A 51 10.79 -7.88 23.03
CA ASN A 51 10.93 -8.34 24.40
C ASN A 51 10.97 -7.18 25.39
N ARG A 52 11.16 -5.97 24.89
CA ARG A 52 11.16 -4.78 25.74
C ARG A 52 9.75 -4.41 26.19
N THR A 53 8.81 -4.38 25.25
CA THR A 53 7.45 -3.92 25.51
C THR A 53 6.39 -5.02 25.48
N GLN A 54 6.77 -6.18 24.95
CA GLN A 54 5.87 -7.31 24.68
C GLN A 54 4.84 -6.97 23.59
N LYS A 55 5.10 -5.91 22.82
CA LYS A 55 4.28 -5.66 21.65
C LYS A 55 4.63 -6.68 20.58
N VAL A 56 3.66 -7.04 19.75
CA VAL A 56 3.87 -7.92 18.62
C VAL A 56 4.44 -7.11 17.43
N VAL A 57 5.40 -7.69 16.72
CA VAL A 57 5.98 -7.01 15.56
C VAL A 57 5.98 -7.97 14.37
N ALA A 58 6.23 -7.42 13.19
CA ALA A 58 6.39 -8.22 11.98
C ALA A 58 7.86 -8.20 11.58
N ILE A 59 8.42 -9.40 11.41
CA ILE A 59 9.82 -9.55 11.05
C ILE A 59 9.96 -10.11 9.65
N LYS A 60 10.44 -9.28 8.73
CA LYS A 60 10.73 -9.73 7.39
C LYS A 60 12.17 -10.22 7.31
N ILE A 61 12.36 -11.49 6.97
CA ILE A 61 13.70 -12.08 6.87
C ILE A 61 14.15 -12.21 5.44
N ILE A 62 15.27 -11.56 5.12
CA ILE A 62 15.86 -11.66 3.78
C ILE A 62 17.19 -12.39 3.82
N ASP A 63 17.30 -13.42 2.98
CA ASP A 63 18.57 -14.12 2.80
C ASP A 63 19.44 -13.35 1.80
N LEU A 64 20.48 -12.69 2.31
CA LEU A 64 21.35 -11.85 1.48
C LEU A 64 22.32 -12.68 0.64
N GLU A 65 22.61 -13.89 1.12
CA GLU A 65 23.36 -14.89 0.39
C GLU A 65 22.62 -15.35 -0.86
N GLU A 66 21.34 -14.98 -0.95
CA GLU A 66 20.41 -15.63 -1.85
C GLU A 66 19.68 -14.73 -2.85
N ALA A 67 19.24 -13.55 -2.42
CA ALA A 67 18.42 -12.70 -3.27
C ALA A 67 19.24 -11.59 -3.92
N GLU A 68 20.36 -12.00 -4.54
CA GLU A 68 21.21 -11.10 -5.33
C GLU A 68 20.44 -10.11 -6.17
N ASP A 69 21.00 -8.91 -6.32
CA ASP A 69 20.49 -7.90 -7.26
C ASP A 69 19.16 -7.29 -6.82
N GLU A 70 18.39 -8.02 -6.03
CA GLU A 70 17.25 -7.45 -5.34
C GLU A 70 17.79 -6.54 -4.22
N ILE A 71 19.08 -6.73 -3.93
CA ILE A 71 19.82 -5.97 -2.92
C ILE A 71 19.60 -4.47 -2.94
N GLU A 72 19.65 -3.88 -4.13
CA GLU A 72 19.44 -2.44 -4.26
C GLU A 72 18.01 -2.08 -3.83
N ASP A 73 17.06 -2.97 -4.08
CA ASP A 73 15.68 -2.71 -3.69
C ASP A 73 15.48 -2.87 -2.19
N ILE A 74 16.14 -3.88 -1.62
CA ILE A 74 16.12 -4.08 -0.18
C ILE A 74 16.71 -2.87 0.55
N GLN A 75 17.83 -2.37 0.02
CA GLN A 75 18.46 -1.19 0.57
C GLN A 75 17.49 -0.01 0.55
N GLN A 76 16.79 0.15 -0.57
CA GLN A 76 15.85 1.25 -0.74
C GLN A 76 14.68 1.14 0.23
N GLU A 77 14.17 -0.08 0.42
CA GLU A 77 13.05 -0.29 1.34
C GLU A 77 13.42 0.13 2.77
N ILE A 78 14.58 -0.30 3.24
CA ILE A 78 15.05 0.07 4.56
C ILE A 78 15.23 1.57 4.70
N THR A 79 15.80 2.18 3.66
CA THR A 79 16.04 3.61 3.69
C THR A 79 14.75 4.40 3.82
N VAL A 80 13.77 4.07 3.00
CA VAL A 80 12.48 4.76 3.02
C VAL A 80 11.77 4.54 4.35
N LEU A 81 11.71 3.27 4.78
CA LEU A 81 11.11 2.91 6.06
C LEU A 81 11.69 3.71 7.21
N SER A 82 13.02 3.76 7.27
CA SER A 82 13.71 4.41 8.38
C SER A 82 13.45 5.90 8.43
N GLN A 83 13.02 6.45 7.30
CA GLN A 83 12.81 7.88 7.19
C GLN A 83 11.35 8.28 7.42
N CYS A 84 10.46 7.30 7.55
CA CYS A 84 9.05 7.60 7.78
C CYS A 84 8.66 7.52 9.24
N ASP A 85 7.85 8.49 9.65
CA ASP A 85 7.37 8.57 11.02
C ASP A 85 5.94 9.09 10.96
N SER A 86 5.00 8.17 10.72
CA SER A 86 3.59 8.51 10.54
C SER A 86 2.70 7.36 11.03
N PRO A 87 1.58 7.68 11.69
CA PRO A 87 0.65 6.62 12.05
C PRO A 87 -0.01 5.97 10.82
N TYR A 88 0.24 6.49 9.61
CA TYR A 88 -0.39 5.98 8.40
C TYR A 88 0.60 5.19 7.55
N VAL A 89 1.78 4.94 8.13
CA VAL A 89 2.85 4.18 7.49
C VAL A 89 3.39 3.18 8.48
N THR A 90 3.55 1.92 8.07
CA THR A 90 4.04 0.88 8.98
C THR A 90 5.30 1.34 9.69
N LYS A 91 5.19 1.39 11.02
CA LYS A 91 6.29 1.77 11.90
C LYS A 91 7.51 0.89 11.67
N TYR A 92 8.68 1.51 11.65
CA TYR A 92 9.94 0.82 11.45
C TYR A 92 10.70 0.72 12.77
N TYR A 93 11.03 -0.50 13.18
CA TYR A 93 11.78 -0.68 14.41
C TYR A 93 13.28 -0.60 14.16
N GLY A 94 13.74 -1.32 13.14
CA GLY A 94 15.15 -1.36 12.82
C GLY A 94 15.45 -2.48 11.83
N SER A 95 16.65 -2.44 11.26
CA SER A 95 17.13 -3.53 10.43
C SER A 95 18.30 -4.17 11.12
N TYR A 96 18.35 -5.49 11.07
CA TYR A 96 19.30 -6.24 11.88
C TYR A 96 20.04 -7.28 11.06
N LEU A 97 21.35 -7.33 11.29
CA LEU A 97 22.19 -8.32 10.66
C LEU A 97 22.26 -9.56 11.54
N LYS A 98 21.91 -10.71 10.97
CA LYS A 98 22.09 -11.99 11.64
C LYS A 98 22.71 -12.99 10.69
N ASP A 99 24.03 -13.10 10.75
CA ASP A 99 24.81 -13.95 9.84
C ASP A 99 24.47 -13.68 8.38
N THR A 100 23.85 -14.67 7.74
CA THR A 100 23.52 -14.58 6.31
C THR A 100 22.26 -13.78 6.05
N LYS A 101 21.47 -13.55 7.10
CA LYS A 101 20.14 -12.98 6.93
C LYS A 101 20.07 -11.53 7.38
N LEU A 102 19.15 -10.79 6.79
CA LEU A 102 18.81 -9.46 7.25
C LEU A 102 17.40 -9.48 7.82
N TRP A 103 17.25 -9.00 9.05
CA TRP A 103 15.94 -8.88 9.68
C TRP A 103 15.42 -7.46 9.59
N ILE A 104 14.30 -7.27 8.90
CA ILE A 104 13.65 -5.97 8.84
C ILE A 104 12.43 -6.02 9.74
N ILE A 105 12.48 -5.27 10.83
CA ILE A 105 11.46 -5.38 11.88
C ILE A 105 10.54 -4.18 11.86
N MET A 106 9.25 -4.45 11.80
CA MET A 106 8.27 -3.40 11.62
C MET A 106 7.01 -3.64 12.44
N GLU A 107 6.11 -2.68 12.35
CA GLU A 107 4.80 -2.75 12.95
C GLU A 107 4.04 -4.00 12.52
N TYR A 108 3.46 -4.71 13.49
CA TYR A 108 2.54 -5.79 13.20
C TYR A 108 1.11 -5.25 13.13
N LEU A 109 0.40 -5.62 12.08
CA LEU A 109 -1.00 -5.20 11.94
C LEU A 109 -1.87 -6.43 11.74
N GLY A 110 -2.75 -6.67 12.69
CA GLY A 110 -3.47 -7.93 12.75
C GLY A 110 -4.85 -7.94 12.13
N GLY A 111 -5.24 -6.86 11.45
CA GLY A 111 -6.56 -6.78 10.86
C GLY A 111 -6.62 -7.21 9.40
N GLY A 112 -5.49 -7.67 8.88
CA GLY A 112 -5.43 -8.14 7.51
C GLY A 112 -5.19 -6.96 6.58
N SER A 113 -5.25 -7.20 5.28
CA SER A 113 -5.10 -6.14 4.27
C SER A 113 -6.47 -5.72 3.77
N ALA A 114 -6.53 -4.57 3.11
CA ALA A 114 -7.78 -4.15 2.50
C ALA A 114 -8.24 -5.18 1.47
N LEU A 115 -7.29 -5.83 0.80
CA LEU A 115 -7.62 -6.90 -0.15
C LEU A 115 -8.29 -8.09 0.53
N ASP A 116 -7.74 -8.49 1.68
CA ASP A 116 -8.34 -9.52 2.52
C ASP A 116 -9.77 -9.16 2.82
N LEU A 117 -9.98 -7.91 3.22
CA LEU A 117 -11.30 -7.48 3.65
C LEU A 117 -12.33 -7.58 2.53
N LEU A 118 -11.86 -7.55 1.29
CA LEU A 118 -12.73 -7.70 0.13
C LEU A 118 -13.17 -9.14 -0.13
N GLU A 119 -12.41 -10.11 0.37
CA GLU A 119 -12.64 -11.50 0.01
C GLU A 119 -14.04 -12.04 0.33
N PRO A 120 -14.62 -11.69 1.50
CA PRO A 120 -15.93 -12.31 1.78
C PRO A 120 -17.09 -11.72 0.98
N GLY A 121 -16.91 -10.52 0.43
CA GLY A 121 -17.98 -9.87 -0.29
C GLY A 121 -17.74 -8.38 -0.42
N PRO A 122 -18.74 -7.64 -0.93
CA PRO A 122 -18.57 -6.22 -1.24
C PRO A 122 -18.46 -5.33 -0.01
N LEU A 123 -17.87 -4.15 -0.20
CA LEU A 123 -17.91 -3.09 0.79
C LEU A 123 -19.06 -2.15 0.48
N ASP A 124 -19.43 -1.32 1.45
CA ASP A 124 -20.38 -0.24 1.19
C ASP A 124 -19.59 1.06 1.07
N GLU A 125 -20.21 2.13 0.61
CA GLU A 125 -19.45 3.34 0.33
C GLU A 125 -18.88 4.02 1.59
N THR A 126 -19.51 3.80 2.75
CA THR A 126 -18.92 4.31 3.99
C THR A 126 -17.58 3.64 4.27
N GLN A 127 -17.55 2.32 4.11
CA GLN A 127 -16.30 1.57 4.28
C GLN A 127 -15.25 1.99 3.25
N ILE A 128 -15.67 2.08 2.00
CA ILE A 128 -14.75 2.51 0.94
C ILE A 128 -14.17 3.89 1.21
N ALA A 129 -15.04 4.84 1.56
CA ALA A 129 -14.60 6.20 1.87
C ALA A 129 -13.67 6.24 3.08
N THR A 130 -13.97 5.45 4.10
CA THR A 130 -13.17 5.47 5.32
C THR A 130 -11.75 4.99 5.01
N ILE A 131 -11.66 3.90 4.25
CA ILE A 131 -10.38 3.32 3.89
C ILE A 131 -9.59 4.27 2.99
N LEU A 132 -10.25 4.81 1.97
CA LEU A 132 -9.62 5.81 1.09
C LEU A 132 -9.10 7.04 1.84
N ARG A 133 -9.86 7.51 2.82
CA ARG A 133 -9.45 8.69 3.59
C ARG A 133 -8.14 8.42 4.30
N GLU A 134 -8.01 7.25 4.91
CA GLU A 134 -6.78 6.93 5.63
C GLU A 134 -5.63 6.70 4.66
N ILE A 135 -5.92 6.09 3.51
CA ILE A 135 -4.89 5.95 2.48
C ILE A 135 -4.38 7.34 2.08
N LEU A 136 -5.30 8.27 1.91
CA LEU A 136 -4.95 9.63 1.51
C LEU A 136 -4.10 10.33 2.58
N LYS A 137 -4.39 10.10 3.86
CA LYS A 137 -3.55 10.67 4.91
C LYS A 137 -2.13 10.14 4.78
N GLY A 138 -2.01 8.85 4.50
CA GLY A 138 -0.70 8.24 4.25
C GLY A 138 -0.01 8.86 3.04
N LEU A 139 -0.73 9.01 1.95
CA LEU A 139 -0.13 9.56 0.74
C LEU A 139 0.28 11.02 0.95
N ASP A 140 -0.55 11.77 1.67
CA ASP A 140 -0.22 13.17 1.92
C ASP A 140 1.08 13.24 2.71
N TYR A 141 1.21 12.39 3.72
CA TYR A 141 2.46 12.32 4.46
C TYR A 141 3.64 12.01 3.54
N LEU A 142 3.54 10.91 2.77
CA LEU A 142 4.64 10.48 1.90
C LEU A 142 4.98 11.59 0.91
N HIS A 143 3.98 12.16 0.27
CA HIS A 143 4.24 13.13 -0.79
C HIS A 143 4.80 14.43 -0.24
N SER A 144 4.45 14.76 0.99
CA SER A 144 5.02 15.92 1.67
C SER A 144 6.49 15.66 1.97
N GLU A 145 6.85 14.39 2.14
CA GLU A 145 8.27 14.00 2.33
C GLU A 145 8.98 13.75 1.00
N LYS A 146 8.34 14.13 -0.10
CA LYS A 146 8.86 13.91 -1.44
C LYS A 146 9.10 12.43 -1.74
N LYS A 147 8.36 11.55 -1.04
CA LYS A 147 8.41 10.14 -1.35
C LYS A 147 7.22 9.72 -2.20
N ILE A 148 7.43 8.72 -3.06
CA ILE A 148 6.35 8.14 -3.87
C ILE A 148 6.27 6.67 -3.55
N HIS A 149 5.08 6.16 -3.24
CA HIS A 149 4.96 4.77 -2.84
C HIS A 149 5.21 3.83 -4.02
N ARG A 150 4.49 4.12 -5.12
CA ARG A 150 4.60 3.47 -6.42
C ARG A 150 4.01 2.06 -6.51
N ASP A 151 3.44 1.56 -5.43
CA ASP A 151 2.77 0.27 -5.51
C ASP A 151 1.52 0.33 -4.65
N ILE A 152 0.75 1.41 -4.82
CA ILE A 152 -0.52 1.50 -4.10
C ILE A 152 -1.55 0.52 -4.69
N LYS A 153 -2.11 -0.32 -3.83
CA LYS A 153 -3.15 -1.26 -4.21
C LYS A 153 -3.69 -1.82 -2.89
N ALA A 154 -4.86 -2.47 -2.91
CA ALA A 154 -5.49 -2.92 -1.65
C ALA A 154 -4.60 -3.86 -0.85
N ALA A 155 -3.80 -4.68 -1.53
CA ALA A 155 -2.93 -5.63 -0.84
C ALA A 155 -1.85 -4.95 0.02
N ASN A 156 -1.52 -3.71 -0.31
CA ASN A 156 -0.49 -2.97 0.39
C ASN A 156 -1.08 -1.93 1.34
N VAL A 157 -2.36 -2.11 1.65
CA VAL A 157 -3.04 -1.30 2.65
C VAL A 157 -3.41 -2.22 3.80
N LEU A 158 -2.75 -2.04 4.95
CA LEU A 158 -2.93 -2.96 6.06
C LEU A 158 -3.70 -2.34 7.22
N LEU A 159 -4.47 -3.16 7.93
CA LEU A 159 -5.25 -2.67 9.06
C LEU A 159 -4.83 -3.32 10.38
N SER A 160 -4.94 -2.56 11.46
CA SER A 160 -4.79 -3.12 12.81
C SER A 160 -6.07 -3.85 13.12
N GLU A 161 -6.11 -4.58 14.23
CA GLU A 161 -7.30 -5.34 14.52
C GLU A 161 -8.46 -4.42 14.89
N HIS A 162 -8.18 -3.14 15.11
CA HIS A 162 -9.24 -2.20 15.49
C HIS A 162 -9.55 -1.14 14.44
N GLY A 163 -9.03 -1.33 13.24
CA GLY A 163 -9.49 -0.55 12.12
C GLY A 163 -8.56 0.58 11.69
N GLU A 164 -7.42 0.70 12.35
CA GLU A 164 -6.44 1.68 11.89
C GLU A 164 -5.89 1.22 10.55
N VAL A 165 -5.64 2.17 9.65
CA VAL A 165 -5.25 1.86 8.28
C VAL A 165 -3.87 2.44 7.93
N LYS A 166 -2.95 1.61 7.47
CA LYS A 166 -1.59 2.07 7.18
C LYS A 166 -1.08 1.54 5.83
N LEU A 167 -0.22 2.33 5.19
CA LEU A 167 0.43 1.89 3.97
C LEU A 167 1.61 0.99 4.28
N ALA A 168 1.77 -0.07 3.48
CA ALA A 168 2.87 -1.00 3.69
C ALA A 168 3.64 -1.26 2.42
N ASP A 169 4.77 -1.93 2.58
CA ASP A 169 5.53 -2.51 1.47
C ASP A 169 6.15 -1.43 0.59
N PHE A 170 7.26 -0.89 1.06
CA PHE A 170 7.91 0.22 0.41
C PHE A 170 9.06 -0.24 -0.47
N GLY A 171 8.98 -1.48 -0.92
CA GLY A 171 10.05 -2.09 -1.69
C GLY A 171 10.39 -1.41 -3.01
N VAL A 172 9.46 -0.66 -3.59
CA VAL A 172 9.75 0.04 -4.83
C VAL A 172 9.47 1.53 -4.70
N ALA A 173 9.41 2.02 -3.46
CA ALA A 173 9.19 3.44 -3.19
C ALA A 173 10.30 4.31 -3.82
N GLY A 174 9.92 5.49 -4.28
CA GLY A 174 10.87 6.44 -4.86
C GLY A 174 11.05 7.68 -4.00
N GLN A 175 12.21 8.31 -4.12
CA GLN A 175 12.51 9.55 -3.38
C GLN A 175 12.87 10.66 -4.35
N LEU A 176 12.21 11.80 -4.23
CA LEU A 176 12.59 12.96 -5.05
C LEU A 176 13.56 13.81 -4.24
N THR A 177 14.44 14.51 -4.95
CA THR A 177 15.45 15.33 -4.31
C THR A 177 15.55 16.63 -5.09
N ASP A 178 16.34 17.58 -4.60
CA ASP A 178 16.53 18.84 -5.31
C ASP A 178 17.07 18.62 -6.73
N THR A 179 17.89 17.59 -6.92
CA THR A 179 18.50 17.33 -8.23
C THR A 179 17.75 16.26 -9.03
N GLN A 180 16.84 15.56 -8.37
CA GLN A 180 15.98 14.62 -9.07
C GLN A 180 14.52 14.89 -8.72
N ILE A 181 13.89 15.74 -9.52
CA ILE A 181 12.54 16.24 -9.26
C ILE A 181 11.47 15.33 -9.84
N LYS A 182 11.89 14.34 -10.63
CA LYS A 182 11.00 13.34 -11.18
C LYS A 182 11.67 11.96 -11.12
N ARG A 183 10.86 10.91 -11.14
CA ARG A 183 11.37 9.56 -11.31
C ARG A 183 11.06 9.01 -12.71
N ASN A 184 11.71 7.92 -13.09
CA ASN A 184 11.57 7.37 -14.43
C ASN A 184 11.38 5.86 -14.45
N PHE A 186 10.46 1.99 -14.24
CA PHE A 186 9.34 1.08 -14.47
C PHE A 186 9.14 0.16 -13.25
N VAL A 187 8.37 0.61 -12.27
CA VAL A 187 8.03 -0.22 -11.13
C VAL A 187 6.55 -0.14 -10.80
N GLY A 188 6.06 -1.12 -10.06
CA GLY A 188 4.68 -1.10 -9.66
C GLY A 188 4.01 -2.42 -9.98
N THR A 189 2.68 -2.44 -9.90
CA THR A 189 1.91 -3.62 -10.29
C THR A 189 1.02 -3.22 -11.48
N PRO A 190 1.20 -3.87 -12.64
CA PRO A 190 0.65 -3.38 -13.91
C PRO A 190 -0.81 -2.88 -13.85
N PHE A 191 -1.74 -3.63 -13.27
CA PHE A 191 -3.14 -3.17 -13.23
C PHE A 191 -3.28 -1.79 -12.58
N TRP A 192 -2.38 -1.47 -11.66
CA TRP A 192 -2.49 -0.24 -10.87
C TRP A 192 -1.57 0.88 -11.37
N MET A 193 -0.69 0.56 -12.33
CA MET A 193 0.33 1.52 -12.77
C MET A 193 -0.23 2.66 -13.61
N ALA A 194 0.27 3.88 -13.35
CA ALA A 194 -0.09 5.06 -14.13
C ALA A 194 0.47 4.96 -15.54
N PRO A 195 -0.23 5.58 -16.51
CA PRO A 195 0.22 5.50 -17.90
C PRO A 195 1.63 6.07 -18.09
N GLU A 196 1.97 7.16 -17.39
CA GLU A 196 3.28 7.76 -17.53
C GLU A 196 4.40 6.92 -16.90
N VAL A 197 4.04 6.06 -15.94
CA VAL A 197 5.02 5.14 -15.37
C VAL A 197 5.33 4.04 -16.38
N ILE A 198 4.28 3.53 -17.03
CA ILE A 198 4.44 2.46 -18.00
C ILE A 198 5.24 2.96 -19.21
N LYS A 199 4.99 4.20 -19.60
CA LYS A 199 5.73 4.80 -20.70
C LYS A 199 7.10 5.29 -20.22
N GLN A 200 7.31 5.20 -18.90
CA GLN A 200 8.57 5.59 -18.28
C GLN A 200 8.94 7.04 -18.60
N SER A 201 7.90 7.87 -18.70
CA SER A 201 8.08 9.31 -18.76
C SER A 201 8.56 9.80 -17.41
N ALA A 202 9.03 11.05 -17.35
CA ALA A 202 9.37 11.64 -16.06
C ALA A 202 8.10 11.83 -15.23
N TYR A 203 8.00 11.15 -14.07
CA TYR A 203 6.81 11.25 -13.24
C TYR A 203 7.09 11.57 -11.77
N ASP A 204 6.03 11.85 -11.01
CA ASP A 204 6.17 12.11 -9.58
C ASP A 204 5.01 11.52 -8.76
N SER A 205 4.65 12.21 -7.67
CA SER A 205 3.63 11.69 -6.74
C SER A 205 2.28 11.52 -7.40
N LYS A 206 2.04 12.25 -8.50
CA LYS A 206 0.78 12.11 -9.21
C LYS A 206 0.55 10.67 -9.68
N ALA A 207 1.63 9.93 -9.91
CA ALA A 207 1.52 8.48 -10.22
C ALA A 207 0.75 7.71 -9.12
N ASP A 208 1.02 8.03 -7.86
CA ASP A 208 0.30 7.42 -6.72
C ASP A 208 -1.19 7.75 -6.77
N ILE A 209 -1.52 8.94 -7.26
CA ILE A 209 -2.92 9.40 -7.32
C ILE A 209 -3.69 8.56 -8.35
N TRP A 210 -3.06 8.25 -9.48
CA TRP A 210 -3.66 7.31 -10.44
C TRP A 210 -3.88 5.95 -9.77
N SER A 211 -2.83 5.40 -9.17
CA SER A 211 -2.94 4.10 -8.50
C SER A 211 -4.05 4.10 -7.46
N LEU A 212 -4.22 5.26 -6.79
CA LEU A 212 -5.27 5.42 -5.79
C LEU A 212 -6.65 5.33 -6.43
N GLY A 213 -6.81 5.93 -7.60
CA GLY A 213 -8.05 5.77 -8.35
C GLY A 213 -8.34 4.34 -8.74
N ILE A 214 -7.31 3.61 -9.20
CA ILE A 214 -7.49 2.20 -9.50
C ILE A 214 -7.85 1.43 -8.23
N THR A 215 -7.19 1.80 -7.14
CA THR A 215 -7.50 1.20 -5.83
C THR A 215 -8.95 1.48 -5.38
N ALA A 216 -9.47 2.67 -5.69
CA ALA A 216 -10.87 2.99 -5.40
C ALA A 216 -11.84 2.08 -6.17
N ILE A 217 -11.55 1.83 -7.45
CA ILE A 217 -12.37 0.90 -8.21
C ILE A 217 -12.25 -0.51 -7.60
N GLU A 218 -11.03 -0.90 -7.24
CA GLU A 218 -10.79 -2.18 -6.58
C GLU A 218 -11.64 -2.32 -5.31
N LEU A 219 -11.68 -1.25 -4.52
CA LEU A 219 -12.46 -1.29 -3.27
C LEU A 219 -13.97 -1.34 -3.54
N ALA A 220 -14.40 -0.75 -4.65
CA ALA A 220 -15.81 -0.70 -5.00
C ALA A 220 -16.30 -1.96 -5.71
N ARG A 221 -15.45 -2.50 -6.57
CA ARG A 221 -15.80 -3.61 -7.46
C ARG A 221 -15.15 -4.93 -7.07
N GLY A 222 -14.16 -4.90 -6.18
CA GLY A 222 -13.46 -6.10 -5.77
C GLY A 222 -12.18 -6.37 -6.54
N GLU A 223 -12.03 -5.73 -7.69
CA GLU A 223 -10.91 -6.00 -8.59
C GLU A 223 -10.60 -4.76 -9.42
N PRO A 224 -9.34 -4.58 -9.82
CA PRO A 224 -9.01 -3.44 -10.68
C PRO A 224 -9.51 -3.63 -12.12
N PRO A 225 -9.57 -2.55 -12.91
CA PRO A 225 -9.91 -2.76 -14.33
C PRO A 225 -8.92 -3.71 -14.98
N HIS A 226 -9.38 -4.50 -15.96
CA HIS A 226 -8.54 -5.42 -16.72
C HIS A 226 -8.00 -6.63 -15.95
N SER A 227 -8.63 -7.00 -14.84
CA SER A 227 -8.01 -7.94 -13.91
C SER A 227 -7.95 -9.37 -14.43
N GLU A 228 -8.73 -9.66 -15.46
CA GLU A 228 -8.73 -11.01 -16.02
C GLU A 228 -7.77 -11.11 -17.20
N LEU A 229 -7.18 -9.98 -17.61
CA LEU A 229 -6.23 -9.99 -18.71
C LEU A 229 -4.81 -10.25 -18.22
N HIS A 230 -3.96 -10.72 -19.12
CA HIS A 230 -2.54 -10.90 -18.78
C HIS A 230 -1.92 -9.53 -18.53
N PRO A 231 -1.10 -9.41 -17.48
CA PRO A 231 -0.44 -8.13 -17.16
C PRO A 231 0.31 -7.50 -18.33
N MET A 232 0.91 -8.32 -19.20
CA MET A 232 1.69 -7.77 -20.31
C MET A 232 0.78 -7.01 -21.24
N LYS A 233 -0.42 -7.53 -21.36
CA LYS A 233 -1.45 -6.89 -22.15
C LYS A 233 -1.85 -5.51 -21.66
N VAL A 234 -1.99 -5.36 -20.34
CA VAL A 234 -2.46 -4.10 -19.84
C VAL A 234 -1.37 -3.05 -19.98
N LEU A 235 -0.13 -3.52 -20.14
CA LEU A 235 0.99 -2.60 -20.33
C LEU A 235 0.83 -1.76 -21.59
N PHE A 236 0.13 -2.27 -22.62
CA PHE A 236 -0.18 -1.39 -23.73
C PHE A 236 -1.59 -0.79 -23.60
N LEU A 237 -2.51 -1.53 -23.01
CA LEU A 237 -3.88 -1.06 -22.90
C LEU A 237 -4.02 0.20 -22.06
N ILE A 238 -3.22 0.30 -21.01
CA ILE A 238 -3.36 1.45 -20.11
C ILE A 238 -2.91 2.78 -20.74
N PRO A 239 -1.73 2.81 -21.40
CA PRO A 239 -1.38 4.08 -22.05
C PRO A 239 -2.28 4.45 -23.23
N LYS A 240 -2.86 3.45 -23.89
CA LYS A 240 -3.62 3.71 -25.12
C LYS A 240 -5.07 4.09 -24.82
N ASN A 241 -5.73 3.27 -24.03
CA ASN A 241 -7.16 3.41 -23.81
C ASN A 241 -7.47 4.65 -23.00
N ASN A 242 -8.71 5.13 -23.14
CA ASN A 242 -9.22 6.12 -22.21
C ASN A 242 -9.12 5.58 -20.79
N PRO A 243 -8.99 6.47 -19.79
CA PRO A 243 -8.90 5.99 -18.39
C PRO A 243 -10.14 5.23 -17.99
N PRO A 244 -9.97 4.26 -17.10
CA PRO A 244 -11.11 3.52 -16.55
C PRO A 244 -12.06 4.48 -15.88
N THR A 245 -13.34 4.12 -15.83
CA THR A 245 -14.31 4.83 -15.02
C THR A 245 -14.98 3.82 -14.11
N LEU A 246 -15.58 4.29 -13.04
CA LEU A 246 -16.32 3.40 -12.16
C LEU A 246 -17.72 3.23 -12.70
N GLU A 247 -18.02 2.02 -13.19
CA GLU A 247 -19.33 1.76 -13.75
C GLU A 247 -20.13 0.94 -12.75
N GLY A 248 -21.45 1.09 -12.78
CA GLY A 248 -22.30 0.39 -11.83
C GLY A 248 -23.07 1.38 -10.99
N ASN A 249 -23.86 0.86 -10.05
CA ASN A 249 -24.73 1.73 -9.25
C ASN A 249 -24.01 2.25 -8.03
N TYR A 250 -23.13 3.22 -8.26
CA TYR A 250 -22.37 3.87 -7.20
C TYR A 250 -22.75 5.34 -7.16
N SER A 251 -22.61 5.97 -5.99
CA SER A 251 -22.96 7.38 -5.85
C SER A 251 -22.15 8.25 -6.83
N LYS A 252 -22.75 9.36 -7.25
CA LYS A 252 -22.04 10.27 -8.14
C LYS A 252 -20.72 10.78 -7.55
N PRO A 253 -20.67 11.13 -6.24
CA PRO A 253 -19.37 11.55 -5.70
C PRO A 253 -18.27 10.47 -5.78
N LEU A 254 -18.62 9.20 -5.55
CA LEU A 254 -17.63 8.15 -5.72
C LEU A 254 -17.15 8.07 -7.17
N LYS A 255 -18.09 8.09 -8.12
CA LYS A 255 -17.71 8.05 -9.52
C LYS A 255 -16.81 9.23 -9.87
N GLU A 256 -17.13 10.42 -9.36
CA GLU A 256 -16.31 11.60 -9.69
C GLU A 256 -14.96 11.58 -8.98
N PHE A 257 -14.90 10.96 -7.80
CA PHE A 257 -13.63 10.76 -7.10
C PHE A 257 -12.69 9.93 -7.98
N VAL A 258 -13.18 8.80 -8.49
CA VAL A 258 -12.39 7.95 -9.37
C VAL A 258 -11.94 8.71 -10.61
N GLU A 259 -12.90 9.39 -11.24
CA GLU A 259 -12.62 10.18 -12.45
C GLU A 259 -11.51 11.20 -12.26
N ALA A 260 -11.54 11.88 -11.12
CA ALA A 260 -10.55 12.87 -10.78
C ALA A 260 -9.15 12.26 -10.73
N CYS A 261 -9.04 11.08 -10.10
CA CYS A 261 -7.77 10.39 -9.98
C CYS A 261 -7.29 9.87 -11.32
N LEU A 262 -8.22 9.40 -12.14
CA LEU A 262 -7.84 8.68 -13.35
C LEU A 262 -7.89 9.63 -14.56
N ASN A 263 -7.04 10.65 -14.49
CA ASN A 263 -6.77 11.53 -15.61
C ASN A 263 -5.47 11.10 -16.29
N LYS A 264 -5.47 10.95 -17.60
CA LYS A 264 -4.23 10.54 -18.29
C LYS A 264 -3.10 11.55 -18.08
N GLU A 265 -3.45 12.84 -18.05
CA GLU A 265 -2.48 13.89 -17.78
C GLU A 265 -2.30 14.06 -16.27
N PRO A 266 -1.12 13.70 -15.75
CA PRO A 266 -0.89 13.71 -14.30
C PRO A 266 -1.05 15.07 -13.64
N SER A 267 -0.69 16.15 -14.33
CA SER A 267 -0.82 17.46 -13.71
C SER A 267 -2.29 17.85 -13.49
N PHE A 268 -3.21 17.15 -14.16
CA PHE A 268 -4.63 17.42 -13.93
C PHE A 268 -5.24 16.58 -12.80
N ARG A 269 -4.49 15.62 -12.27
CA ARG A 269 -4.96 14.86 -11.10
C ARG A 269 -4.78 15.72 -9.85
N PRO A 270 -5.72 15.63 -8.92
CA PRO A 270 -5.55 16.42 -7.70
C PRO A 270 -4.46 15.85 -6.82
N THR A 271 -4.04 16.61 -5.82
CA THR A 271 -3.14 16.11 -4.80
C THR A 271 -3.89 15.28 -3.75
N ALA A 272 -3.15 14.52 -2.94
CA ALA A 272 -3.77 13.78 -1.84
C ALA A 272 -4.52 14.74 -0.91
N LYS A 273 -3.86 15.84 -0.60
CA LYS A 273 -4.44 16.90 0.22
C LYS A 273 -5.79 17.35 -0.30
N GLU A 274 -5.85 17.62 -1.60
CA GLU A 274 -7.08 18.08 -2.23
C GLU A 274 -8.17 17.01 -2.14
N LEU A 275 -7.79 15.75 -2.31
CA LEU A 275 -8.76 14.67 -2.32
C LEU A 275 -9.36 14.43 -0.94
N LEU A 276 -8.63 14.79 0.10
CA LEU A 276 -9.16 14.68 1.46
C LEU A 276 -10.40 15.54 1.66
N LYS A 277 -10.56 16.57 0.82
CA LYS A 277 -11.73 17.44 0.89
C LYS A 277 -12.77 17.13 -0.20
N HIS A 278 -12.55 16.05 -0.94
CA HIS A 278 -13.53 15.64 -1.93
C HIS A 278 -14.87 15.28 -1.29
N LYS A 279 -15.96 15.63 -1.95
CA LYS A 279 -17.29 15.36 -1.38
C LYS A 279 -17.50 13.90 -1.04
N PHE A 280 -16.94 12.98 -1.83
CA PHE A 280 -17.13 11.56 -1.50
C PHE A 280 -16.54 11.24 -0.13
N ILE A 281 -15.34 11.76 0.13
CA ILE A 281 -14.67 11.54 1.41
C ILE A 281 -15.44 12.22 2.54
N LEU A 282 -15.79 13.49 2.35
CA LEU A 282 -16.42 14.27 3.42
C LEU A 282 -17.80 13.71 3.78
N ARG A 283 -18.57 13.31 2.77
CA ARG A 283 -19.92 12.84 3.04
C ARG A 283 -20.00 11.40 3.56
N ASN A 284 -19.00 10.58 3.27
CA ASN A 284 -19.14 9.15 3.56
C ASN A 284 -18.15 8.53 4.55
N ALA A 285 -16.99 9.14 4.77
CA ALA A 285 -16.01 8.58 5.67
C ALA A 285 -16.46 8.70 7.12
N LYS A 286 -16.27 7.64 7.88
CA LYS A 286 -16.61 7.65 9.29
C LYS A 286 -15.42 7.17 10.12
N LYS A 287 -15.66 6.96 11.41
CA LYS A 287 -14.59 6.51 12.29
C LYS A 287 -13.98 5.21 11.81
N THR A 288 -12.66 5.12 11.90
CA THR A 288 -11.95 3.90 11.50
C THR A 288 -12.34 2.70 12.36
N SER A 289 -12.74 2.93 13.61
CA SER A 289 -13.14 1.82 14.47
C SER A 289 -14.33 1.04 13.90
N TYR A 290 -15.17 1.69 13.09
CA TYR A 290 -16.25 0.96 12.44
C TYR A 290 -15.75 -0.11 11.49
N LEU A 291 -14.50 -0.02 11.06
CA LEU A 291 -13.93 -1.02 10.16
C LEU A 291 -13.71 -2.38 10.84
N THR A 292 -13.82 -2.42 12.16
CA THR A 292 -13.71 -3.70 12.85
C THR A 292 -14.80 -4.67 12.38
N GLU A 293 -15.97 -4.13 12.01
CA GLU A 293 -17.04 -4.92 11.42
C GLU A 293 -16.53 -5.72 10.21
N LEU A 294 -15.77 -5.04 9.35
CA LEU A 294 -15.15 -5.69 8.20
C LEU A 294 -14.07 -6.68 8.57
N ILE A 295 -13.31 -6.35 9.62
CA ILE A 295 -12.22 -7.20 10.04
C ILE A 295 -12.82 -8.51 10.60
N ASP A 296 -13.90 -8.37 11.36
CA ASP A 296 -14.60 -9.52 11.93
C ASP A 296 -15.20 -10.41 10.84
N ARG A 297 -15.73 -9.77 9.79
CA ARG A 297 -16.33 -10.50 8.69
C ARG A 297 -15.28 -11.38 8.00
N TYR A 298 -14.08 -10.85 7.81
CA TYR A 298 -13.01 -11.61 7.21
C TYR A 298 -12.59 -12.75 8.14
N LYS A 299 -12.43 -12.46 9.43
CA LYS A 299 -12.03 -13.50 10.37
C LYS A 299 -13.04 -14.66 10.36
N ARG A 300 -14.33 -14.33 10.33
CA ARG A 300 -15.36 -15.37 10.29
C ARG A 300 -15.28 -16.17 9.00
N TRP A 301 -15.20 -15.44 7.89
CA TRP A 301 -15.10 -16.04 6.57
C TRP A 301 -13.90 -16.95 6.43
N LYS A 302 -12.76 -16.48 6.91
CA LYS A 302 -11.49 -17.21 6.81
C LYS A 302 -11.54 -18.50 7.62
N ALA A 303 -12.23 -18.45 8.75
CA ALA A 303 -12.32 -19.59 9.67
C ALA A 303 -13.20 -20.73 9.13
N GLU A 304 -14.15 -20.42 8.24
CA GLU A 304 -15.00 -21.48 7.70
C GLU A 304 -14.63 -21.84 6.27
N GLN A 305 -13.47 -21.37 5.80
CA GLN A 305 -13.04 -21.57 4.42
C GLN A 305 -12.41 -22.92 4.12
N SER A 306 -12.78 -23.47 2.97
CA SER A 306 -12.16 -24.64 2.34
C SER A 306 -10.66 -24.78 2.60
#